data_4ESY
#
_entry.id   4ESY
#
_cell.length_a   51.090
_cell.length_b   74.118
_cell.length_c   50.981
_cell.angle_alpha   90.00
_cell.angle_beta   99.13
_cell.angle_gamma   90.00
#
_symmetry.space_group_name_H-M   'P 1 21 1'
#
loop_
_entity.id
_entity.type
_entity.pdbx_description
1 polymer 'CBS domain containing membrane protein'
2 polymer 'CBS domain containing membrane protein'
3 non-polymer 1,2-ETHANEDIOL
4 non-polymer 'CHLORIDE ION'
5 water water
#
loop_
_entity_poly.entity_id
_entity_poly.type
_entity_poly.pdbx_seq_one_letter_code
_entity_poly.pdbx_strand_id
1 'polypeptide(L)'
;RVAEQARRRAIARAIRQVPIRDILTSPVVTVREDDTLDAVAKT(MSE)LEHQIGCAPVVDQNGHLVGIITESDFLRGSIP
FWIYEASEILSRAIPAPEVEHLFETGRKLTASAV(MSE)TQPVVTAAPEDSVGSIADQ(MSE)RRHGIHRIPVVQDGVPV
GIVTRRDLLKLLLLEESPVDPD
;
A
2 'polypeptide(L)'
;RVAEQARRRAIARAIRQVPIRDILTSPVVTVREDDTLDAVAKT(MSE)LEHQIG(CSO)APVVDQNGHLVGIITESDFLR
GSIPFWIYEASEILSRAIPAPEVEHLFETGRKLTASAV(MSE)TQPVVTAAPEDSVGSIADQ(MSE)RRHGIHRIPVVQD
GVPVGIVTRRDLLKLLLLEESPVDPD
;
B
#
# COMPACT_ATOMS: atom_id res chain seq x y z
N ARG A 1 -28.81 7.72 20.63
CA ARG A 1 -27.75 8.50 20.00
C ARG A 1 -26.56 8.66 20.93
N VAL A 2 -26.85 8.97 22.19
CA VAL A 2 -25.81 9.14 23.19
C VAL A 2 -25.13 7.81 23.51
N ALA A 3 -25.96 6.76 23.60
CA ALA A 3 -25.51 5.42 23.95
C ALA A 3 -24.66 4.86 22.81
N GLU A 4 -25.09 5.15 21.59
CA GLU A 4 -24.30 4.77 20.43
C GLU A 4 -22.91 5.38 20.49
N GLN A 5 -22.83 6.66 20.86
CA GLN A 5 -21.53 7.31 21.06
C GLN A 5 -20.67 6.69 22.15
N ALA A 6 -21.27 6.39 23.30
CA ALA A 6 -20.55 5.71 24.36
C ALA A 6 -20.02 4.37 23.86
N ARG A 7 -20.82 3.70 23.05
CA ARG A 7 -20.48 2.41 22.49
C ARG A 7 -19.25 2.52 21.57
N ARG A 8 -19.26 3.56 20.74
CA ARG A 8 -18.18 3.83 19.78
C ARG A 8 -16.90 4.25 20.49
N ARG A 9 -17.07 5.00 21.57
CA ARG A 9 -15.95 5.49 22.35
C ARG A 9 -15.22 4.31 22.97
N ALA A 10 -15.97 3.38 23.57
CA ALA A 10 -15.34 2.22 24.21
C ALA A 10 -14.58 1.32 23.21
N ILE A 11 -15.18 1.07 22.04
CA ILE A 11 -14.49 0.31 20.99
C ILE A 11 -13.18 1.03 20.57
N ALA A 12 -13.25 2.33 20.33
CA ALA A 12 -12.06 3.07 19.92
C ALA A 12 -10.95 2.99 20.97
N ARG A 13 -11.32 3.12 22.24
N ARG A 13 -11.32 3.10 22.24
CA ARG A 13 -10.32 3.02 23.30
CA ARG A 13 -10.32 3.03 23.31
C ARG A 13 -9.70 1.63 23.40
C ARG A 13 -9.70 1.63 23.42
N ALA A 14 -10.54 0.61 23.32
CA ALA A 14 -10.08 -0.77 23.30
C ALA A 14 -9.09 -1.03 22.17
N ILE A 15 -9.38 -0.46 21.01
CA ILE A 15 -8.53 -0.67 19.85
C ILE A 15 -7.17 -0.01 20.07
N ARG A 16 -7.13 1.18 20.68
CA ARG A 16 -5.84 1.81 20.95
C ARG A 16 -4.98 1.02 21.94
N GLN A 17 -5.60 0.18 22.77
CA GLN A 17 -4.83 -0.57 23.77
C GLN A 17 -4.35 -1.91 23.28
N VAL A 18 -4.67 -2.27 22.05
CA VAL A 18 -4.18 -3.52 21.49
C VAL A 18 -2.64 -3.48 21.35
N PRO A 19 -1.95 -4.51 21.83
CA PRO A 19 -0.49 -4.45 21.68
C PRO A 19 -0.09 -4.70 20.23
N ILE A 20 0.94 -4.00 19.80
CA ILE A 20 1.46 -4.14 18.43
C ILE A 20 1.67 -5.58 18.00
N ARG A 21 2.25 -6.38 18.85
CA ARG A 21 2.51 -7.77 18.47
C ARG A 21 1.26 -8.49 17.95
N ASP A 22 0.07 -8.09 18.41
CA ASP A 22 -1.18 -8.70 17.92
C ASP A 22 -1.49 -8.37 16.46
N ILE A 23 -0.97 -7.26 15.95
CA ILE A 23 -1.24 -6.93 14.57
C ILE A 23 -0.14 -7.38 13.62
N LEU A 24 0.95 -7.91 14.16
CA LEU A 24 2.02 -8.48 13.33
C LEU A 24 1.68 -9.90 12.93
N THR A 25 0.81 -10.05 11.93
CA THR A 25 0.27 -11.37 11.59
C THR A 25 0.94 -11.97 10.35
N SER A 26 1.93 -11.26 9.82
CA SER A 26 2.74 -11.84 8.76
C SER A 26 4.13 -12.12 9.30
N PRO A 27 4.80 -13.14 8.71
CA PRO A 27 6.18 -13.52 9.00
C PRO A 27 7.14 -12.43 8.53
N VAL A 28 8.20 -12.15 9.27
CA VAL A 28 9.02 -11.03 8.87
C VAL A 28 10.03 -11.54 7.83
N VAL A 29 10.20 -10.78 6.76
CA VAL A 29 11.19 -11.09 5.76
C VAL A 29 12.20 -9.96 5.73
N THR A 30 13.46 -10.24 5.98
CA THR A 30 14.47 -9.20 5.94
C THR A 30 15.43 -9.39 4.76
N VAL A 31 16.22 -8.36 4.46
CA VAL A 31 17.31 -8.46 3.52
C VAL A 31 18.60 -7.97 4.18
N ARG A 32 19.76 -8.42 3.67
CA ARG A 32 21.05 -8.01 4.22
C ARG A 32 21.49 -6.73 3.55
N GLU A 33 22.18 -5.86 4.31
CA GLU A 33 22.67 -4.60 3.74
C GLU A 33 23.59 -4.82 2.55
N ASP A 34 24.28 -5.96 2.51
CA ASP A 34 25.14 -6.28 1.37
C ASP A 34 24.47 -7.00 0.22
N ASP A 35 23.17 -7.29 0.30
CA ASP A 35 22.48 -7.97 -0.80
C ASP A 35 22.45 -7.00 -1.98
N THR A 36 22.63 -7.50 -3.19
CA THR A 36 22.52 -6.66 -4.38
C THR A 36 21.05 -6.33 -4.64
N LEU A 37 20.78 -5.25 -5.35
CA LEU A 37 19.39 -4.79 -5.53
C LEU A 37 18.63 -5.83 -6.29
N ASP A 38 19.35 -6.55 -7.14
N ASP A 38 19.35 -6.57 -7.13
CA ASP A 38 18.77 -7.64 -7.90
CA ASP A 38 18.76 -7.63 -7.91
C ASP A 38 18.18 -8.68 -6.93
C ASP A 38 18.24 -8.77 -7.01
N ALA A 39 18.99 -9.08 -5.94
CA ALA A 39 18.56 -10.06 -4.96
C ALA A 39 17.40 -9.54 -4.08
N VAL A 40 17.48 -8.28 -3.69
CA VAL A 40 16.40 -7.69 -2.92
C VAL A 40 15.06 -7.76 -3.73
N ALA A 41 15.10 -7.37 -5.00
CA ALA A 41 13.88 -7.40 -5.84
C ALA A 41 13.31 -8.81 -5.91
N LYS A 42 14.18 -9.79 -6.08
N LYS A 42 14.17 -9.79 -6.12
CA LYS A 42 13.78 -11.18 -6.15
CA LYS A 42 13.76 -11.20 -6.13
C LYS A 42 13.11 -11.62 -4.85
C LYS A 42 13.08 -11.59 -4.83
N THR A 43 13.68 -11.20 -3.72
CA THR A 43 13.14 -11.51 -2.40
C THR A 43 11.77 -10.85 -2.23
N LEU A 45 9.64 -9.71 -4.54
CA LEU A 45 8.67 -10.26 -5.47
C LEU A 45 8.24 -11.67 -5.04
N GLU A 46 9.20 -12.47 -4.60
CA GLU A 46 8.93 -13.85 -4.16
C GLU A 46 8.02 -13.91 -2.93
N HIS A 47 8.14 -12.94 -2.04
CA HIS A 47 7.26 -12.90 -0.86
C HIS A 47 6.10 -11.93 -0.97
N GLN A 48 5.98 -11.30 -2.12
CA GLN A 48 4.94 -10.31 -2.36
C GLN A 48 4.91 -9.15 -1.37
N ILE A 49 6.06 -8.55 -1.10
CA ILE A 49 6.12 -7.41 -0.18
C ILE A 49 6.77 -6.22 -0.87
N GLY A 50 6.43 -5.02 -0.44
CA GLY A 50 6.93 -3.80 -1.04
C GLY A 50 7.95 -3.07 -0.17
N CYS A 51 8.18 -3.55 1.06
CA CYS A 51 9.23 -3.00 1.91
C CYS A 51 9.81 -4.10 2.79
N ALA A 52 11.01 -3.90 3.30
CA ALA A 52 11.64 -4.90 4.17
C ALA A 52 12.67 -4.24 5.08
N PRO A 53 12.83 -4.79 6.28
CA PRO A 53 13.93 -4.34 7.14
C PRO A 53 15.23 -4.76 6.49
N VAL A 54 16.26 -3.92 6.60
CA VAL A 54 17.60 -4.25 6.19
C VAL A 54 18.42 -4.56 7.47
N VAL A 55 19.11 -5.70 7.51
CA VAL A 55 19.88 -6.04 8.69
C VAL A 55 21.36 -6.19 8.34
N ASP A 56 22.24 -6.05 9.34
CA ASP A 56 23.63 -6.43 9.16
C ASP A 56 23.84 -7.95 9.19
N GLN A 57 25.08 -8.39 9.09
N GLN A 57 25.10 -8.36 9.13
CA GLN A 57 25.34 -9.82 9.00
CA GLN A 57 25.48 -9.77 9.03
C GLN A 57 24.87 -10.58 10.24
C GLN A 57 25.11 -10.59 10.27
N ASN A 58 24.84 -9.91 11.38
CA ASN A 58 24.40 -10.58 12.60
C ASN A 58 22.91 -10.34 12.96
N GLY A 59 22.15 -9.80 12.02
CA GLY A 59 20.72 -9.74 12.18
C GLY A 59 20.18 -8.48 12.84
N HIS A 60 21.02 -7.49 13.13
CA HIS A 60 20.53 -6.24 13.70
C HIS A 60 20.01 -5.31 12.64
N LEU A 61 18.97 -4.56 12.98
CA LEU A 61 18.35 -3.63 12.03
C LEU A 61 19.30 -2.48 11.69
N VAL A 62 19.47 -2.18 10.42
CA VAL A 62 20.30 -1.03 10.09
C VAL A 62 19.57 -0.06 9.17
N GLY A 63 18.45 -0.47 8.59
CA GLY A 63 17.72 0.46 7.75
C GLY A 63 16.44 -0.18 7.23
N ILE A 64 15.74 0.54 6.38
CA ILE A 64 14.51 0.08 5.71
C ILE A 64 14.65 0.25 4.23
N ILE A 65 14.12 -0.66 3.44
CA ILE A 65 14.18 -0.44 1.99
C ILE A 65 12.82 -0.74 1.37
N THR A 66 12.41 0.08 0.41
CA THR A 66 11.14 -0.09 -0.30
C THR A 66 11.38 -0.10 -1.82
N GLU A 67 10.33 -0.47 -2.57
CA GLU A 67 10.45 -0.42 -4.02
C GLU A 67 10.88 0.96 -4.54
N SER A 68 10.41 2.01 -3.89
CA SER A 68 10.61 3.34 -4.41
C SER A 68 12.09 3.74 -4.24
N ASP A 69 12.75 3.09 -3.30
CA ASP A 69 14.15 3.37 -3.04
C ASP A 69 15.04 3.00 -4.21
N PHE A 70 14.61 2.03 -5.02
CA PHE A 70 15.40 1.64 -6.19
C PHE A 70 15.66 2.89 -7.09
N LEU A 71 14.74 3.84 -7.07
CA LEU A 71 14.90 5.06 -7.91
C LEU A 71 16.08 5.91 -7.45
N ARG A 72 16.43 5.78 -6.17
CA ARG A 72 17.64 6.45 -5.67
C ARG A 72 18.87 5.98 -6.41
N GLY A 73 18.85 4.74 -6.91
CA GLY A 73 19.94 4.26 -7.75
C GLY A 73 19.66 4.41 -9.25
N SER A 74 18.69 5.25 -9.59
CA SER A 74 18.19 5.36 -10.97
C SER A 74 17.73 4.04 -11.58
N ILE A 75 17.20 3.12 -10.78
CA ILE A 75 16.58 1.91 -11.34
C ILE A 75 15.09 1.92 -11.06
N PRO A 76 14.24 1.68 -12.09
CA PRO A 76 12.82 1.63 -11.74
C PRO A 76 12.51 0.17 -11.27
N PHE A 77 11.94 0.01 -10.09
CA PHE A 77 11.69 -1.36 -9.56
C PHE A 77 10.89 -2.24 -10.57
N TRP A 78 10.08 -1.59 -11.40
CA TRP A 78 9.20 -2.29 -12.36
C TRP A 78 9.97 -3.16 -13.37
N ILE A 79 11.23 -2.80 -13.61
CA ILE A 79 12.05 -3.59 -14.49
C ILE A 79 12.13 -5.06 -14.03
N TYR A 80 12.05 -5.27 -12.72
CA TYR A 80 12.10 -6.64 -12.20
C TYR A 80 10.78 -7.38 -12.41
N GLU A 81 9.68 -6.64 -12.61
CA GLU A 81 8.37 -7.28 -12.82
C GLU A 81 7.94 -7.41 -14.27
N ALA A 82 8.35 -6.45 -15.09
CA ALA A 82 7.76 -6.35 -16.40
C ALA A 82 8.78 -5.81 -17.40
N SER A 83 9.93 -6.46 -17.49
CA SER A 83 10.97 -5.96 -18.39
C SER A 83 10.49 -5.99 -19.85
N GLU A 84 9.70 -7.02 -20.18
N GLU A 84 9.71 -7.02 -20.19
CA GLU A 84 9.16 -7.14 -21.53
CA GLU A 84 9.21 -7.13 -21.54
C GLU A 84 8.36 -5.91 -21.92
C GLU A 84 8.33 -5.94 -21.94
N ILE A 85 7.49 -5.48 -21.01
CA ILE A 85 6.63 -4.34 -21.28
C ILE A 85 7.48 -3.08 -21.40
N LEU A 86 8.44 -2.95 -20.51
CA LEU A 86 9.33 -1.78 -20.54
C LEU A 86 10.28 -1.77 -21.72
N SER A 87 10.64 -2.95 -22.20
CA SER A 87 11.45 -3.03 -23.43
C SER A 87 10.75 -2.51 -24.66
N ARG A 88 9.46 -2.28 -24.57
CA ARG A 88 8.74 -1.67 -25.68
C ARG A 88 9.02 -0.18 -25.71
N ALA A 89 9.41 0.36 -24.55
CA ALA A 89 9.63 1.78 -24.41
C ALA A 89 11.12 2.13 -24.47
N ILE A 90 11.95 1.27 -23.91
CA ILE A 90 13.39 1.50 -23.73
C ILE A 90 14.15 0.47 -24.55
N PRO A 91 15.16 0.91 -25.33
CA PRO A 91 15.93 -0.04 -26.13
C PRO A 91 16.61 -1.11 -25.27
N ALA A 92 16.83 -2.27 -25.85
CA ALA A 92 17.45 -3.41 -25.17
C ALA A 92 18.80 -3.18 -24.48
N PRO A 93 19.73 -2.41 -25.09
CA PRO A 93 21.00 -2.25 -24.35
C PRO A 93 20.80 -1.39 -23.11
N GLU A 94 19.82 -0.50 -23.14
CA GLU A 94 19.54 0.35 -21.98
C GLU A 94 18.85 -0.45 -20.88
N VAL A 95 17.96 -1.35 -21.27
CA VAL A 95 17.37 -2.25 -20.27
C VAL A 95 18.47 -3.09 -19.62
N GLU A 96 19.36 -3.64 -20.43
CA GLU A 96 20.43 -4.45 -19.87
C GLU A 96 21.32 -3.64 -18.93
N HIS A 97 21.50 -2.37 -19.26
CA HIS A 97 22.28 -1.50 -18.39
C HIS A 97 21.64 -1.32 -17.00
N LEU A 98 20.33 -1.19 -16.96
CA LEU A 98 19.61 -1.17 -15.69
C LEU A 98 19.84 -2.46 -14.88
N PHE A 99 19.67 -3.60 -15.52
CA PHE A 99 19.93 -4.86 -14.80
C PHE A 99 21.38 -4.97 -14.26
N GLU A 100 22.36 -4.60 -15.08
CA GLU A 100 23.75 -4.64 -14.67
C GLU A 100 23.98 -3.74 -13.45
N THR A 101 23.36 -2.57 -13.48
CA THR A 101 23.43 -1.67 -12.34
C THR A 101 22.79 -2.25 -11.06
N GLY A 102 21.70 -3.01 -11.21
CA GLY A 102 21.02 -3.62 -10.07
C GLY A 102 21.88 -4.72 -9.45
N ARG A 103 22.75 -5.30 -10.26
CA ARG A 103 23.58 -6.37 -9.84
C ARG A 103 24.81 -5.80 -9.18
N LYS A 104 25.03 -4.50 -9.32
CA LYS A 104 26.20 -3.89 -8.68
C LYS A 104 25.87 -3.19 -7.35
N LEU A 105 24.80 -2.41 -7.32
CA LEU A 105 24.41 -1.71 -6.11
C LEU A 105 23.83 -2.64 -5.03
N THR A 106 23.97 -2.24 -3.78
CA THR A 106 23.41 -3.03 -2.68
C THR A 106 22.32 -2.27 -1.93
N ALA A 107 21.61 -2.98 -1.08
CA ALA A 107 20.56 -2.40 -0.26
C ALA A 107 21.08 -1.21 0.51
N SER A 108 22.29 -1.30 1.04
N SER A 108 22.29 -1.30 1.04
N SER A 108 22.30 -1.32 1.03
CA SER A 108 22.87 -0.21 1.84
CA SER A 108 22.85 -0.21 1.85
CA SER A 108 22.96 -0.25 1.82
C SER A 108 23.03 1.08 1.04
C SER A 108 23.05 1.08 1.04
C SER A 108 23.06 1.06 1.04
N ALA A 109 23.14 0.96 -0.27
CA ALA A 109 23.33 2.14 -1.12
C ALA A 109 22.04 2.97 -1.21
N VAL A 110 20.88 2.32 -1.11
CA VAL A 110 19.64 3.07 -1.22
C VAL A 110 18.69 3.02 0.01
N THR A 112 16.87 3.53 3.74
CA THR A 112 16.79 4.71 4.59
C THR A 112 16.93 4.31 6.05
N GLN A 113 17.25 5.28 6.88
CA GLN A 113 17.23 5.18 8.32
C GLN A 113 15.84 5.43 8.85
N PRO A 114 15.35 4.55 9.72
CA PRO A 114 14.05 4.84 10.34
C PRO A 114 14.18 5.92 11.41
N VAL A 115 13.27 6.88 11.39
CA VAL A 115 13.29 7.98 12.36
C VAL A 115 12.81 7.46 13.73
N VAL A 116 11.88 6.51 13.72
CA VAL A 116 11.42 5.95 14.97
C VAL A 116 11.26 4.46 14.86
N THR A 117 11.42 3.75 15.97
CA THR A 117 11.12 2.31 15.98
C THR A 117 10.09 2.07 17.09
N ALA A 118 9.46 0.90 17.07
CA ALA A 118 8.54 0.51 18.16
C ALA A 118 8.93 -0.86 18.69
N ALA A 119 8.41 -1.20 19.87
CA ALA A 119 8.56 -2.54 20.43
C ALA A 119 7.23 -3.31 20.35
N PRO A 120 7.27 -4.65 20.27
CA PRO A 120 6.02 -5.44 20.17
C PRO A 120 5.04 -5.23 21.35
N GLU A 121 5.55 -4.82 22.51
CA GLU A 121 4.65 -4.56 23.64
C GLU A 121 4.03 -3.15 23.70
N ASP A 122 4.39 -2.26 22.76
CA ASP A 122 3.81 -0.91 22.66
C ASP A 122 2.37 -1.05 22.15
N SER A 123 1.54 -0.05 22.38
CA SER A 123 0.15 -0.17 21.97
C SER A 123 -0.07 0.35 20.55
N VAL A 124 -1.14 -0.13 19.95
CA VAL A 124 -1.56 0.41 18.67
C VAL A 124 -1.70 1.95 18.71
N GLY A 125 -2.31 2.47 19.77
CA GLY A 125 -2.53 3.90 19.87
C GLY A 125 -1.19 4.65 19.91
N SER A 126 -0.23 4.12 20.65
CA SER A 126 1.06 4.79 20.75
C SER A 126 1.80 4.78 19.39
N ILE A 127 1.68 3.70 18.64
CA ILE A 127 2.28 3.65 17.31
C ILE A 127 1.54 4.60 16.35
N ALA A 128 0.22 4.66 16.43
CA ALA A 128 -0.57 5.60 15.61
C ALA A 128 -0.11 7.02 15.88
N ASP A 129 0.18 7.32 17.15
CA ASP A 129 0.58 8.66 17.54
C ASP A 129 1.94 9.02 16.96
N GLN A 130 2.85 8.05 17.01
N GLN A 130 2.88 8.07 16.98
CA GLN A 130 4.19 8.14 16.41
CA GLN A 130 4.19 8.31 16.39
C GLN A 130 4.04 8.45 14.92
C GLN A 130 4.08 8.45 14.87
N ARG A 132 1.52 9.67 13.08
CA ARG A 132 0.99 11.00 12.81
C ARG A 132 1.94 12.14 13.24
N ARG A 133 2.58 11.99 14.40
CA ARG A 133 3.51 12.98 14.94
C ARG A 133 4.71 13.27 14.05
N HIS A 134 5.32 12.23 13.49
CA HIS A 134 6.45 12.41 12.59
C HIS A 134 6.01 12.39 11.13
N GLY A 135 4.70 12.35 10.89
CA GLY A 135 4.15 12.26 9.54
C GLY A 135 4.90 11.28 8.66
N ILE A 136 4.98 10.01 9.09
CA ILE A 136 5.67 8.99 8.31
C ILE A 136 4.67 7.91 7.91
N HIS A 137 5.13 6.90 7.20
CA HIS A 137 4.24 5.92 6.60
C HIS A 137 4.55 4.48 7.02
N ARG A 138 5.71 4.29 7.66
CA ARG A 138 6.17 2.96 8.09
C ARG A 138 7.01 3.07 9.35
N ILE A 139 6.87 2.10 10.26
CA ILE A 139 7.66 2.09 11.48
C ILE A 139 8.03 0.66 11.74
N PRO A 140 9.34 0.38 11.79
CA PRO A 140 9.87 -0.94 12.13
C PRO A 140 9.63 -1.33 13.61
N VAL A 141 9.30 -2.61 13.83
CA VAL A 141 9.06 -3.11 15.18
C VAL A 141 10.24 -4.01 15.50
N VAL A 142 10.84 -3.76 16.65
CA VAL A 142 12.07 -4.41 17.05
C VAL A 142 11.88 -5.03 18.41
N GLN A 143 12.27 -6.31 18.52
CA GLN A 143 12.24 -7.06 19.78
C GLN A 143 13.64 -7.58 20.07
N ASP A 144 14.27 -7.03 21.11
CA ASP A 144 15.65 -7.35 21.47
C ASP A 144 16.68 -7.09 20.36
N GLY A 145 16.53 -5.99 19.62
CA GLY A 145 17.47 -5.64 18.57
C GLY A 145 17.11 -6.17 17.18
N VAL A 146 16.26 -7.21 17.20
CA VAL A 146 15.86 -8.00 16.04
C VAL A 146 14.56 -7.53 15.47
N PRO A 147 14.53 -7.20 14.15
CA PRO A 147 13.27 -6.76 13.54
C PRO A 147 12.22 -7.87 13.62
N VAL A 148 10.99 -7.54 13.95
CA VAL A 148 9.96 -8.55 13.89
C VAL A 148 8.79 -8.11 13.03
N GLY A 149 8.91 -6.92 12.42
CA GLY A 149 7.89 -6.46 11.49
C GLY A 149 8.05 -5.01 11.10
N ILE A 150 7.24 -4.57 10.16
CA ILE A 150 7.11 -3.18 9.81
C ILE A 150 5.60 -2.89 9.85
N VAL A 151 5.23 -1.89 10.63
CA VAL A 151 3.86 -1.43 10.68
C VAL A 151 3.67 -0.25 9.72
N THR A 152 2.67 -0.33 8.85
CA THR A 152 2.43 0.73 7.86
C THR A 152 1.16 1.52 8.22
N ARG A 153 1.02 2.69 7.61
CA ARG A 153 -0.16 3.50 7.77
C ARG A 153 -1.37 2.69 7.26
N ARG A 154 -1.20 1.91 6.20
CA ARG A 154 -2.29 1.08 5.70
C ARG A 154 -2.75 0.04 6.74
N ASP A 155 -1.80 -0.64 7.38
CA ASP A 155 -2.13 -1.54 8.49
C ASP A 155 -3.00 -0.84 9.55
N LEU A 156 -2.62 0.36 9.96
CA LEU A 156 -3.31 1.00 11.07
C LEU A 156 -4.71 1.51 10.63
N LEU A 157 -4.85 1.85 9.35
CA LEU A 157 -6.13 2.39 8.91
C LEU A 157 -7.20 1.30 8.91
N LYS A 158 -6.78 0.06 9.08
CA LYS A 158 -7.70 -1.07 9.25
C LYS A 158 -8.31 -1.11 10.66
N LEU A 159 -7.74 -0.31 11.55
CA LEU A 159 -8.15 -0.21 12.96
C LEU A 159 -8.65 1.14 13.40
N LEU A 160 -8.01 2.23 12.97
CA LEU A 160 -8.43 3.52 13.52
C LEU A 160 -8.03 4.63 12.59
N LEU A 161 -8.69 5.78 12.73
CA LEU A 161 -8.37 6.95 11.95
C LEU A 161 -7.01 7.52 12.34
N LEU A 162 -6.32 8.12 11.36
CA LEU A 162 -5.06 8.80 11.63
C LEU A 162 -5.19 10.30 11.36
N GLU A 163 -5.60 11.05 12.39
CA GLU A 163 -5.80 12.49 12.32
C GLU A 163 -6.52 12.97 11.06
N ARG B 1 30.35 10.73 -16.92
CA ARG B 1 29.54 11.42 -15.92
C ARG B 1 28.41 12.20 -16.60
N VAL B 2 28.78 13.01 -17.58
CA VAL B 2 27.81 13.75 -18.40
C VAL B 2 26.97 12.78 -19.26
N ALA B 3 27.63 11.72 -19.69
CA ALA B 3 27.07 10.75 -20.63
C ALA B 3 26.05 9.88 -19.91
N GLU B 4 26.34 9.58 -18.64
CA GLU B 4 25.41 8.88 -17.79
C GLU B 4 24.13 9.68 -17.55
N GLN B 5 24.26 11.00 -17.37
CA GLN B 5 23.09 11.85 -17.16
C GLN B 5 22.18 11.87 -18.38
N ALA B 6 22.79 11.86 -19.58
CA ALA B 6 21.99 11.84 -20.79
C ALA B 6 21.25 10.52 -20.88
N ARG B 7 21.92 9.45 -20.46
CA ARG B 7 21.35 8.11 -20.44
C ARG B 7 20.12 8.01 -19.53
N ARG B 8 20.25 8.55 -18.33
CA ARG B 8 19.21 8.54 -17.32
C ARG B 8 18.02 9.41 -17.77
N ARG B 9 18.34 10.52 -18.42
CA ARG B 9 17.34 11.45 -18.95
C ARG B 9 16.49 10.74 -20.00
N ALA B 10 17.13 10.05 -20.93
CA ALA B 10 16.36 9.39 -21.96
C ALA B 10 15.48 8.26 -21.38
N ILE B 11 16.02 7.51 -20.42
CA ILE B 11 15.21 6.52 -19.71
C ILE B 11 14.03 7.16 -18.99
N ALA B 12 14.25 8.24 -18.24
CA ALA B 12 13.14 8.89 -17.53
C ALA B 12 12.09 9.39 -18.52
N ARG B 13 12.52 9.99 -19.63
N ARG B 13 12.52 10.00 -19.62
CA ARG B 13 11.54 10.47 -20.60
CA ARG B 13 11.56 10.46 -20.63
C ARG B 13 10.75 9.32 -21.23
C ARG B 13 10.75 9.31 -21.21
N ALA B 14 11.42 8.21 -21.53
CA ALA B 14 10.73 7.06 -22.11
C ALA B 14 9.68 6.51 -21.16
N ILE B 15 10.01 6.49 -19.87
CA ILE B 15 9.08 5.95 -18.88
C ILE B 15 7.83 6.82 -18.78
N ARG B 16 7.98 8.14 -18.85
CA ARG B 16 6.79 9.01 -18.80
C ARG B 16 5.83 8.83 -20.00
N GLN B 17 6.33 8.26 -21.09
CA GLN B 17 5.51 8.12 -22.28
C GLN B 17 4.81 6.78 -22.39
N VAL B 18 5.11 5.87 -21.47
CA VAL B 18 4.40 4.58 -21.40
C VAL B 18 2.88 4.78 -21.22
N PRO B 19 2.05 4.12 -22.03
CA PRO B 19 0.62 4.39 -21.79
C PRO B 19 0.13 3.66 -20.54
N ILE B 20 -0.78 4.30 -19.83
CA ILE B 20 -1.40 3.72 -18.64
C ILE B 20 -1.81 2.26 -18.81
N ARG B 21 -2.46 1.94 -19.92
CA ARG B 21 -2.96 0.58 -20.08
C ARG B 21 -1.85 -0.49 -19.95
N ASP B 22 -0.59 -0.08 -20.17
CA ASP B 22 0.56 -0.98 -20.03
C ASP B 22 0.89 -1.31 -18.56
N ILE B 23 0.45 -0.48 -17.62
CA ILE B 23 0.75 -0.75 -16.23
C ILE B 23 -0.42 -1.39 -15.48
N LEU B 24 -1.57 -1.50 -16.16
CA LEU B 24 -2.71 -2.19 -15.56
C LEU B 24 -2.57 -3.67 -15.81
N THR B 25 -1.80 -4.34 -14.97
CA THR B 25 -1.40 -5.74 -15.24
C THR B 25 -2.18 -6.70 -14.36
N SER B 26 -3.07 -6.16 -13.55
CA SER B 26 -3.93 -7.00 -12.75
C SER B 26 -5.37 -6.83 -13.21
N PRO B 27 -6.23 -7.84 -12.97
CA PRO B 27 -7.64 -7.80 -13.37
C PRO B 27 -8.52 -6.91 -12.47
N VAL B 28 -9.40 -6.08 -13.05
CA VAL B 28 -10.15 -5.18 -12.20
C VAL B 28 -11.25 -5.91 -11.44
N VAL B 29 -11.34 -5.67 -10.14
CA VAL B 29 -12.41 -6.23 -9.36
C VAL B 29 -13.24 -5.05 -8.87
N THR B 30 -14.53 -5.04 -9.16
CA THR B 30 -15.37 -3.94 -8.73
C THR B 30 -16.39 -4.43 -7.70
N VAL B 31 -17.02 -3.49 -6.99
CA VAL B 31 -18.17 -3.81 -6.14
C VAL B 31 -19.34 -2.90 -6.53
N ARG B 32 -20.56 -3.31 -6.15
CA ARG B 32 -21.75 -2.53 -6.49
C ARG B 32 -22.04 -1.59 -5.35
N GLU B 33 -22.60 -0.44 -5.68
CA GLU B 33 -22.88 0.55 -4.66
C GLU B 33 -23.87 0.02 -3.62
N ASP B 34 -24.70 -0.94 -4.00
CA ASP B 34 -25.67 -1.53 -3.07
C ASP B 34 -25.12 -2.76 -2.32
N ASP B 35 -23.87 -3.17 -2.55
CA ASP B 35 -23.30 -4.31 -1.79
C ASP B 35 -23.12 -3.90 -0.34
N THR B 36 -23.45 -4.80 0.59
CA THR B 36 -23.24 -4.52 2.04
C THR B 36 -21.74 -4.55 2.34
N LEU B 37 -21.33 -3.92 3.42
CA LEU B 37 -19.90 -3.81 3.72
C LEU B 37 -19.34 -5.20 4.00
N ASP B 38 -20.18 -6.09 4.50
N ASP B 38 -20.19 -6.08 4.50
CA ASP B 38 -19.81 -7.49 4.71
CA ASP B 38 -19.84 -7.48 4.73
C ASP B 38 -19.35 -8.12 3.39
C ASP B 38 -19.40 -8.17 3.42
N ALA B 39 -20.15 -7.94 2.35
CA ALA B 39 -19.79 -8.48 1.03
C ALA B 39 -18.55 -7.78 0.43
N VAL B 40 -18.51 -6.48 0.54
CA VAL B 40 -17.33 -5.74 0.07
C VAL B 40 -16.04 -6.29 0.74
N ALA B 41 -16.09 -6.48 2.06
CA ALA B 41 -14.94 -6.99 2.80
C ALA B 41 -14.53 -8.34 2.25
N LYS B 42 -15.52 -9.23 2.11
CA LYS B 42 -15.32 -10.54 1.57
C LYS B 42 -14.66 -10.55 0.17
N THR B 43 -15.17 -9.71 -0.72
CA THR B 43 -14.60 -9.53 -2.05
C THR B 43 -13.15 -9.09 -1.99
N LEU B 45 -10.92 -9.20 0.50
CA LEU B 45 -10.08 -10.23 1.08
C LEU B 45 -9.90 -11.45 0.15
N GLU B 46 -10.96 -11.88 -0.55
CA GLU B 46 -10.82 -13.00 -1.51
C GLU B 46 -9.78 -12.64 -2.57
N HIS B 47 -9.81 -11.40 -3.03
CA HIS B 47 -8.91 -10.98 -4.10
C HIS B 47 -7.60 -10.29 -3.67
N GLN B 48 -7.41 -10.18 -2.36
CA GLN B 48 -6.24 -9.52 -1.77
C GLN B 48 -6.03 -8.08 -2.26
N ILE B 49 -7.06 -7.27 -2.22
CA ILE B 49 -6.94 -5.89 -2.64
C ILE B 49 -7.46 -4.99 -1.52
N GLY B 50 -6.94 -3.77 -1.44
CA GLY B 50 -7.34 -2.85 -0.39
C GLY B 50 -8.21 -1.70 -0.90
N ALA B 52 -11.19 -0.66 -4.40
CA ALA B 52 -11.95 -1.14 -5.55
C ALA B 52 -12.84 -0.02 -6.08
N PRO B 53 -13.03 0.04 -7.41
CA PRO B 53 -14.07 0.91 -7.96
C PRO B 53 -15.45 0.44 -7.49
N VAL B 54 -16.34 1.38 -7.17
CA VAL B 54 -17.72 1.12 -6.89
C VAL B 54 -18.54 1.47 -8.16
N VAL B 55 -19.33 0.52 -8.65
CA VAL B 55 -20.14 0.78 -9.86
C VAL B 55 -21.64 0.70 -9.59
N ASP B 56 -22.45 1.28 -10.47
CA ASP B 56 -23.90 1.07 -10.38
C ASP B 56 -24.35 -0.26 -10.99
N GLN B 57 -25.65 -0.53 -11.00
N GLN B 57 -25.67 -0.44 -11.05
CA GLN B 57 -26.10 -1.86 -11.43
CA GLN B 57 -26.32 -1.69 -11.46
C GLN B 57 -25.68 -2.12 -12.87
C GLN B 57 -26.02 -2.06 -12.91
N ASN B 58 -25.57 -1.07 -13.68
CA ASN B 58 -25.17 -1.28 -15.07
C ASN B 58 -23.66 -1.08 -15.33
N GLY B 59 -22.88 -0.98 -14.27
CA GLY B 59 -21.43 -1.05 -14.43
C GLY B 59 -20.68 0.25 -14.60
N HIS B 60 -21.34 1.39 -14.49
CA HIS B 60 -20.65 2.68 -14.58
C HIS B 60 -20.02 3.06 -13.23
N LEU B 61 -18.85 3.68 -13.28
CA LEU B 61 -18.14 4.08 -12.05
C LEU B 61 -18.98 5.10 -11.27
N VAL B 62 -19.16 4.91 -9.97
CA VAL B 62 -19.83 5.92 -9.18
C VAL B 62 -18.98 6.33 -7.95
N GLY B 63 -17.91 5.59 -7.66
CA GLY B 63 -17.14 5.92 -6.48
C GLY B 63 -15.95 4.98 -6.36
N ILE B 64 -15.20 5.18 -5.29
CA ILE B 64 -14.05 4.37 -4.91
C ILE B 64 -14.21 4.00 -3.44
N ILE B 65 -13.83 2.79 -3.07
CA ILE B 65 -13.93 2.42 -1.66
C ILE B 65 -12.63 1.70 -1.29
N THR B 66 -12.16 1.98 -0.07
CA THR B 66 -10.94 1.38 0.46
C THR B 66 -11.20 0.84 1.86
N GLU B 67 -10.24 0.10 2.38
CA GLU B 67 -10.38 -0.46 3.73
C GLU B 67 -10.64 0.63 4.76
N SER B 68 -9.97 1.78 4.61
CA SER B 68 -10.05 2.83 5.60
C SER B 68 -11.44 3.45 5.61
N ASP B 69 -12.13 3.36 4.48
CA ASP B 69 -13.50 3.90 4.41
C ASP B 69 -14.45 3.24 5.39
N PHE B 70 -14.20 1.97 5.73
CA PHE B 70 -15.05 1.27 6.70
C PHE B 70 -15.12 2.07 8.01
N LEU B 71 -14.04 2.76 8.38
CA LEU B 71 -14.08 3.59 9.60
C LEU B 71 -15.15 4.66 9.56
N ARG B 72 -15.50 5.12 8.36
CA ARG B 72 -16.54 6.14 8.22
C ARG B 72 -17.88 5.62 8.73
N GLY B 73 -18.06 4.32 8.75
CA GLY B 73 -19.25 3.73 9.37
C GLY B 73 -18.96 3.16 10.74
N SER B 74 -17.85 3.59 11.32
CA SER B 74 -17.44 3.13 12.65
C SER B 74 -17.16 1.64 12.74
N ILE B 75 -16.70 1.03 11.64
CA ILE B 75 -16.31 -0.38 11.65
C ILE B 75 -14.83 -0.45 11.27
N PRO B 76 -14.04 -1.14 12.10
CA PRO B 76 -12.63 -1.31 11.73
C PRO B 76 -12.56 -2.49 10.74
N PHE B 77 -12.01 -2.24 9.56
CA PHE B 77 -11.92 -3.33 8.56
C PHE B 77 -11.28 -4.60 9.13
N TRP B 78 -10.41 -4.44 10.13
CA TRP B 78 -9.66 -5.60 10.65
C TRP B 78 -10.58 -6.67 11.23
N ILE B 79 -11.77 -6.27 11.64
CA ILE B 79 -12.74 -7.22 12.17
C ILE B 79 -13.01 -8.38 11.19
N TYR B 80 -12.91 -8.11 9.90
CA TYR B 80 -13.13 -9.16 8.88
C TYR B 80 -11.89 -10.05 8.68
N GLU B 81 -10.72 -9.62 9.15
CA GLU B 81 -9.52 -10.45 9.04
C GLU B 81 -9.16 -11.19 10.32
N ALA B 82 -9.44 -10.58 11.46
CA ALA B 82 -8.91 -11.10 12.72
C ALA B 82 -9.87 -10.86 13.85
N SER B 83 -11.12 -11.31 13.71
CA SER B 83 -12.10 -11.03 14.77
C SER B 83 -11.71 -11.69 16.10
N GLU B 84 -11.10 -12.87 16.03
N GLU B 84 -11.10 -12.87 16.06
CA GLU B 84 -10.70 -13.59 17.24
CA GLU B 84 -10.71 -13.54 17.29
C GLU B 84 -9.63 -12.83 18.07
C GLU B 84 -9.69 -12.71 18.09
N ILE B 85 -8.71 -12.14 17.40
CA ILE B 85 -7.68 -11.33 18.06
C ILE B 85 -8.35 -10.08 18.63
N LEU B 86 -9.25 -9.48 17.86
CA LEU B 86 -10.01 -8.34 18.32
C LEU B 86 -10.93 -8.64 19.51
N SER B 87 -11.47 -9.86 19.55
CA SER B 87 -12.29 -10.29 20.68
C SER B 87 -11.56 -10.40 22.01
N ARG B 88 -10.24 -10.43 21.99
CA ARG B 88 -9.52 -10.38 23.27
C ARG B 88 -9.58 -8.96 23.80
N ALA B 89 -9.82 -8.00 22.91
CA ALA B 89 -9.87 -6.59 23.26
C ALA B 89 -11.29 -6.08 23.52
N ILE B 90 -12.25 -6.67 22.82
CA ILE B 90 -13.62 -6.15 22.73
C ILE B 90 -14.56 -7.28 23.12
N PRO B 91 -15.49 -7.01 24.06
CA PRO B 91 -16.44 -8.06 24.43
C PRO B 91 -17.25 -8.57 23.22
N ALA B 92 -17.64 -9.84 23.26
CA ALA B 92 -18.37 -10.48 22.16
C ALA B 92 -19.66 -9.78 21.71
N PRO B 93 -20.48 -9.25 22.64
CA PRO B 93 -21.67 -8.57 22.09
C PRO B 93 -21.31 -7.35 21.25
N GLU B 94 -20.19 -6.70 21.57
CA GLU B 94 -19.80 -5.50 20.84
C GLU B 94 -19.23 -5.85 19.47
N VAL B 95 -18.46 -6.94 19.38
CA VAL B 95 -17.98 -7.42 18.07
C VAL B 95 -19.18 -7.82 17.21
N GLU B 96 -20.15 -8.49 17.82
CA GLU B 96 -21.30 -8.91 17.05
C GLU B 96 -22.06 -7.71 16.51
N HIS B 97 -22.11 -6.66 17.31
CA HIS B 97 -22.76 -5.42 16.88
C HIS B 97 -22.04 -4.77 15.67
N LEU B 98 -20.72 -4.85 15.67
CA LEU B 98 -19.95 -4.41 14.52
C LEU B 98 -20.32 -5.21 13.27
N PHE B 99 -20.36 -6.53 13.37
CA PHE B 99 -20.80 -7.36 12.26
C PHE B 99 -22.21 -7.02 11.78
N GLU B 100 -23.12 -6.78 12.73
N GLU B 100 -23.14 -6.78 12.71
CA GLU B 100 -24.51 -6.42 12.42
CA GLU B 100 -24.51 -6.43 12.34
C GLU B 100 -24.52 -5.14 11.56
C GLU B 100 -24.54 -5.12 11.55
N THR B 101 -23.76 -4.14 12.00
CA THR B 101 -23.65 -2.88 11.30
C THR B 101 -23.10 -3.08 9.88
N GLY B 102 -22.14 -3.98 9.72
CA GLY B 102 -21.53 -4.20 8.42
C GLY B 102 -22.50 -4.84 7.44
N ARG B 103 -23.45 -5.62 7.95
CA ARG B 103 -24.42 -6.29 7.13
C ARG B 103 -25.54 -5.31 6.77
N LYS B 104 -25.53 -4.13 7.37
N LYS B 104 -25.54 -4.13 7.37
CA LYS B 104 -26.59 -3.17 7.07
CA LYS B 104 -26.59 -3.16 7.07
C LYS B 104 -26.14 -2.03 6.16
C LYS B 104 -26.11 -2.07 6.13
N LEU B 105 -24.95 -1.49 6.42
CA LEU B 105 -24.41 -0.40 5.60
C LEU B 105 -23.97 -0.92 4.23
N THR B 106 -24.01 -0.05 3.23
CA THR B 106 -23.57 -0.46 1.89
C THR B 106 -22.37 0.35 1.43
N ALA B 107 -21.74 -0.10 0.34
CA ALA B 107 -20.62 0.63 -0.21
C ALA B 107 -20.90 2.08 -0.41
N SER B 108 -22.11 2.40 -0.89
N SER B 108 -22.12 2.39 -0.88
CA SER B 108 -22.47 3.78 -1.24
CA SER B 108 -22.53 3.76 -1.23
C SER B 108 -22.44 4.72 -0.03
C SER B 108 -22.46 4.71 -0.04
N ALA B 109 -22.63 4.15 1.16
CA ALA B 109 -22.66 4.95 2.36
C ALA B 109 -21.27 5.36 2.83
N VAL B 110 -20.23 4.62 2.44
CA VAL B 110 -18.89 5.04 2.80
C VAL B 110 -17.95 5.40 1.63
N THR B 112 -15.93 7.11 -1.58
CA THR B 112 -15.62 8.49 -1.93
C THR B 112 -15.78 8.74 -3.43
N GLN B 113 -15.91 10.01 -3.78
N GLN B 113 -15.94 10.01 -3.81
CA GLN B 113 -15.91 10.48 -5.15
CA GLN B 113 -16.01 10.44 -5.21
C GLN B 113 -14.48 10.71 -5.58
C GLN B 113 -14.61 10.86 -5.68
N PRO B 114 -14.13 10.27 -6.79
CA PRO B 114 -12.78 10.53 -7.29
C PRO B 114 -12.72 11.95 -7.88
N VAL B 115 -11.72 12.72 -7.49
CA VAL B 115 -11.59 14.07 -8.02
C VAL B 115 -11.14 14.01 -9.47
N VAL B 116 -10.31 13.02 -9.81
CA VAL B 116 -9.89 12.90 -11.19
C VAL B 116 -9.92 11.46 -11.69
N THR B 117 -10.19 11.30 -12.98
CA THR B 117 -10.06 9.98 -13.57
C THR B 117 -9.08 10.02 -14.76
N ALA B 118 -8.57 8.85 -15.14
CA ALA B 118 -7.72 8.75 -16.33
C ALA B 118 -8.34 7.81 -17.38
N ALA B 119 -7.84 7.90 -18.61
CA ALA B 119 -8.18 6.97 -19.69
C ALA B 119 -6.94 6.10 -19.96
N PRO B 120 -7.14 4.85 -20.43
CA PRO B 120 -6.01 3.94 -20.59
C PRO B 120 -4.95 4.37 -21.64
N GLU B 121 -5.35 5.26 -22.55
CA GLU B 121 -4.42 5.75 -23.53
C GLU B 121 -3.59 6.95 -23.02
N ASP B 122 -3.88 7.47 -21.84
CA ASP B 122 -3.08 8.54 -21.24
C ASP B 122 -1.67 8.03 -20.83
N SER B 123 -0.71 8.92 -20.69
CA SER B 123 0.63 8.49 -20.36
C SER B 123 0.87 8.39 -18.85
N VAL B 124 1.83 7.57 -18.49
CA VAL B 124 2.30 7.52 -17.11
C VAL B 124 2.66 8.93 -16.57
N GLY B 125 3.41 9.71 -17.36
CA GLY B 125 3.79 11.04 -16.95
C GLY B 125 2.58 11.89 -16.58
N SER B 126 1.54 11.80 -17.39
CA SER B 126 0.39 12.67 -17.19
C SER B 126 -0.41 12.27 -15.93
N ILE B 127 -0.55 10.97 -15.67
CA ILE B 127 -1.20 10.56 -14.43
C ILE B 127 -0.32 10.88 -13.21
N ALA B 128 0.99 10.68 -13.35
CA ALA B 128 1.93 11.09 -12.29
C ALA B 128 1.74 12.58 -11.95
N ASP B 129 1.59 13.39 -13.00
CA ASP B 129 1.36 14.80 -12.81
C ASP B 129 0.05 15.08 -12.11
N GLN B 130 -0.98 14.30 -12.46
N GLN B 130 -1.00 14.32 -12.44
CA GLN B 130 -2.27 14.37 -11.80
CA GLN B 130 -2.27 14.50 -11.75
C GLN B 130 -2.14 14.08 -10.30
C GLN B 130 -2.17 14.08 -10.27
N ARG B 132 0.45 14.29 -8.05
CA ARG B 132 1.05 15.39 -7.31
C ARG B 132 0.19 16.65 -7.27
N ARG B 133 -0.36 17.04 -8.41
CA ARG B 133 -1.11 18.29 -8.54
C ARG B 133 -2.33 18.32 -7.65
N HIS B 134 -2.99 17.18 -7.50
CA HIS B 134 -4.14 17.09 -6.63
C HIS B 134 -3.74 16.46 -5.32
N GLY B 135 -2.46 16.11 -5.20
CA GLY B 135 -1.92 15.45 -4.02
C GLY B 135 -2.74 14.28 -3.54
N ILE B 136 -3.10 13.40 -4.48
CA ILE B 136 -3.94 12.24 -4.15
C ILE B 136 -3.14 10.97 -4.25
N HIS B 137 -3.73 9.86 -3.79
CA HIS B 137 -3.02 8.59 -3.74
C HIS B 137 -3.54 7.52 -4.69
N ARG B 138 -4.68 7.79 -5.34
CA ARG B 138 -5.33 6.79 -6.17
C ARG B 138 -6.08 7.47 -7.28
N ILE B 139 -6.01 6.94 -8.50
CA ILE B 139 -6.79 7.48 -9.60
C ILE B 139 -7.37 6.34 -10.42
N PRO B 140 -8.70 6.33 -10.57
CA PRO B 140 -9.41 5.34 -11.38
C PRO B 140 -9.15 5.51 -12.89
N VAL B 141 -9.02 4.39 -13.60
CA VAL B 141 -8.84 4.41 -15.05
C VAL B 141 -10.16 3.91 -15.63
N VAL B 142 -10.68 4.68 -16.57
CA VAL B 142 -11.97 4.42 -17.18
C VAL B 142 -11.81 4.38 -18.68
N GLN B 143 -12.44 3.38 -19.30
CA GLN B 143 -12.42 3.17 -20.74
C GLN B 143 -13.89 2.99 -21.16
N ASP B 144 -14.45 4.03 -21.77
CA ASP B 144 -15.86 4.07 -22.19
C ASP B 144 -16.86 3.99 -21.03
N GLY B 145 -16.63 4.75 -19.96
CA GLY B 145 -17.54 4.74 -18.81
C GLY B 145 -17.27 3.65 -17.77
N VAL B 146 -16.59 2.58 -18.24
CA VAL B 146 -16.26 1.37 -17.48
C VAL B 146 -14.88 1.39 -16.85
N PRO B 147 -14.83 1.16 -15.52
CA PRO B 147 -13.54 1.10 -14.79
C PRO B 147 -12.67 -0.05 -15.35
N VAL B 148 -11.40 0.21 -15.54
CA VAL B 148 -10.54 -0.86 -15.99
C VAL B 148 -9.37 -0.97 -15.06
N GLY B 149 -9.29 -0.08 -14.08
CA GLY B 149 -8.23 -0.18 -13.11
C GLY B 149 -8.23 0.95 -12.12
N ILE B 150 -7.36 0.86 -11.11
CA ILE B 150 -7.06 1.97 -10.22
C ILE B 150 -5.54 2.05 -10.13
N VAL B 151 -5.00 3.23 -10.39
CA VAL B 151 -3.55 3.40 -10.35
C VAL B 151 -3.25 4.09 -9.02
N THR B 152 -2.34 3.51 -8.25
CA THR B 152 -1.97 4.09 -6.97
C THR B 152 -0.60 4.76 -7.02
N ARG B 153 -0.30 5.53 -5.99
CA ARG B 153 1.01 6.15 -5.84
C ARG B 153 2.08 5.04 -5.77
N ARG B 154 1.82 3.96 -5.04
CA ARG B 154 2.76 2.83 -5.00
C ARG B 154 3.11 2.26 -6.39
N ASP B 155 2.09 2.06 -7.23
CA ASP B 155 2.31 1.63 -8.61
C ASP B 155 3.28 2.58 -9.33
N LEU B 156 3.06 3.86 -9.17
CA LEU B 156 3.83 4.79 -9.96
C LEU B 156 5.30 4.84 -9.46
N LEU B 157 5.50 4.57 -8.17
CA LEU B 157 6.84 4.69 -7.59
C LEU B 157 7.74 3.55 -8.01
N LYS B 158 7.15 2.52 -8.62
CA LYS B 158 7.93 1.47 -9.28
C LYS B 158 8.54 1.95 -10.61
N LEU B 159 8.08 3.11 -11.07
CA LEU B 159 8.48 3.68 -12.36
C LEU B 159 9.18 5.02 -12.26
N LEU B 160 8.70 5.92 -11.41
CA LEU B 160 9.31 7.24 -11.42
C LEU B 160 9.09 7.96 -10.10
N LEU B 161 9.94 8.94 -9.82
CA LEU B 161 9.82 9.72 -8.60
C LEU B 161 8.55 10.57 -8.69
N LEU B 162 7.99 10.94 -7.54
CA LEU B 162 6.88 11.89 -7.51
C LEU B 162 7.20 13.14 -6.67
N GLU B 163 7.33 14.29 -7.32
CA GLU B 163 7.54 15.59 -6.66
C GLU B 163 8.69 15.59 -5.65
#